data_8P5M
#
_entry.id   8P5M
#
_cell.length_a   1.00
_cell.length_b   1.00
_cell.length_c   1.00
_cell.angle_alpha   90.00
_cell.angle_beta   90.00
_cell.angle_gamma   90.00
#
_symmetry.space_group_name_H-M   'P 1'
#
loop_
_entity.id
_entity.type
_entity.pdbx_description
1 polymer 'Spike protein S1'
2 polymer 'Mab-23 (Heavy chain variable domain)'
3 polymer 'Mab-23 (Light chain variable domain)'
#
loop_
_entity_poly.entity_id
_entity_poly.type
_entity_poly.pdbx_seq_one_letter_code
_entity_poly.pdbx_strand_id
1 'polypeptide(L)'
;TNLCPFGEVFNATRFASVYAWNRKRISNCVADYSVLYNSASFSTFKCYGVSPTKLNDLCFTNVYADSFVIRGDEVRQIAP
GQTGKIADYNYKLPDDFTGCVIAWNSNNLDSKVGGNYNYLYRLFRKSNLKPFERDISTEIYQAGSTPCNGVEGFNCYFPL
QSYGFQPTNGVGYQPYRVVVLSFELLHAPATVCGPK
;
I
2 'polypeptide(L)'
;EVQLVESGGGLVQPGGSLRLSCTASGFTFSNYGFHWVRQAPGKGLEWVTIISYDGITKHYADSVKDRFTVSRDNSKTMVY
LQMNNLKLDDTAVYYCARDLGTYDDSWGQGVLVTVSSASTKGPSVFPLAPSSKSTSGGTAALGLVKDYFPEVTSWNSGAL
TSGVHTFPAVLQSSGLYSLSSVVTVPSSSLGTQTYICNVNHKPSNTKVDKVEPKSCDKTHTCPPCPAPELLGGPSVFLFP
PKPKDTLMISRTPEVTCVVVDVSHEDPEVKFNWYVDGVEVHNAKTKPREEQYNSTYRVVSVLTVLHQDWLNGKEYKCKVS
NKALPAPIEKTISKAKGQPREPQVYTLPPSRDETKNQVSLTCLVKGFYPSDIAVEWESNGQPENNYKTTPPVLDSDGSFF
LYSKLTVDKSRWQQGNVFSCSVMHEALHNHYTQKSLSLSPGK
;
G
3 'polypeptide(L)'
;DIQMTQSPSALSASVGDRVTISCRASQNIDGFLAWYQQKPGKAPKLLIYAASRLQSGIPSRFSGSGSGTDFTLTISSLQP
EDFAAYYCQQVYSAPLTFGGGTKVEFKRTVAAPSVFIFPPSDEQLKSGTASVVCLLNNFYPREAKVQWKVDNALQSGNSQ
ESVTEQDSKDSTYSLSSTLTLSKADYEKHKVYACEVTHQGLSSPVTKSFNRGEC
;
L
#
# COMPACT_ATOMS: atom_id res chain seq x y z
N THR A 1 13.35 15.14 -28.92
CA THR A 1 12.36 14.08 -28.95
C THR A 1 11.81 13.93 -27.52
N ASN A 2 11.48 15.09 -26.95
CA ASN A 2 11.01 15.17 -25.57
C ASN A 2 9.70 14.39 -25.40
N LEU A 3 9.60 13.66 -24.30
CA LEU A 3 8.43 12.86 -24.01
C LEU A 3 7.84 13.25 -22.66
N CYS A 4 6.52 13.38 -22.62
CA CYS A 4 5.83 13.79 -21.41
C CYS A 4 5.94 12.74 -20.32
N PRO A 5 6.06 13.14 -19.06
CA PRO A 5 6.21 12.17 -17.97
C PRO A 5 4.87 11.61 -17.49
N PHE A 6 4.16 10.92 -18.39
CA PHE A 6 2.97 10.20 -17.98
C PHE A 6 3.30 9.06 -17.04
N GLY A 7 4.45 8.42 -17.23
CA GLY A 7 4.84 7.31 -16.38
C GLY A 7 4.98 7.70 -14.93
N GLU A 8 5.48 8.92 -14.68
CA GLU A 8 5.59 9.45 -13.32
C GLU A 8 4.22 9.61 -12.68
N VAL A 9 3.26 10.16 -13.42
CA VAL A 9 1.92 10.37 -12.89
C VAL A 9 1.17 9.05 -12.69
N PHE A 10 1.18 8.20 -13.72
CA PHE A 10 0.41 6.95 -13.67
C PHE A 10 1.04 5.90 -12.77
N ASN A 11 2.37 5.80 -12.74
CA ASN A 11 3.06 4.73 -12.05
C ASN A 11 3.69 5.19 -10.73
N ALA A 12 3.23 6.32 -10.18
CA ALA A 12 3.66 6.76 -8.87
C ALA A 12 3.31 5.74 -7.80
N THR A 13 4.22 5.57 -6.84
CA THR A 13 4.05 4.56 -5.79
C THR A 13 2.83 4.83 -4.93
N ARG A 14 2.62 6.09 -4.54
CA ARG A 14 1.48 6.49 -3.74
C ARG A 14 0.74 7.63 -4.42
N PHE A 15 -0.57 7.46 -4.61
CA PHE A 15 -1.30 8.62 -5.07
C PHE A 15 -1.67 9.50 -3.90
N ALA A 16 -1.96 10.75 -4.22
CA ALA A 16 -2.35 11.72 -3.22
C ALA A 16 -3.78 11.49 -2.77
N SER A 17 -4.13 12.12 -1.67
CA SER A 17 -5.50 12.08 -1.16
C SER A 17 -6.43 12.89 -2.06
N VAL A 18 -7.70 12.51 -2.05
CA VAL A 18 -8.68 13.18 -2.93
C VAL A 18 -8.85 14.65 -2.51
N TYR A 19 -8.91 14.92 -1.20
CA TYR A 19 -8.98 16.30 -0.74
C TYR A 19 -7.67 17.04 -1.05
N ALA A 20 -6.53 16.40 -0.79
CA ALA A 20 -5.22 16.95 -1.12
C ALA A 20 -4.72 16.38 -2.45
N TRP A 21 -5.49 16.56 -3.51
CA TRP A 21 -5.15 16.03 -4.81
C TRP A 21 -3.92 16.72 -5.38
N ASN A 22 -3.15 16.00 -6.18
CA ASN A 22 -1.89 16.48 -6.70
C ASN A 22 -2.06 16.92 -8.15
N ARG A 23 -1.65 18.14 -8.45
CA ARG A 23 -1.72 18.70 -9.80
C ARG A 23 -0.31 18.83 -10.35
N LYS A 24 -0.08 18.22 -11.50
CA LYS A 24 1.22 18.29 -12.17
C LYS A 24 1.06 18.98 -13.51
N ARG A 25 1.86 20.03 -13.75
CA ARG A 25 1.84 20.71 -15.03
C ARG A 25 2.72 19.95 -16.02
N ILE A 26 2.19 19.69 -17.20
CA ILE A 26 2.90 19.00 -18.28
C ILE A 26 3.08 19.95 -19.45
N SER A 27 4.34 20.14 -19.88
CA SER A 27 4.61 21.08 -20.96
C SER A 27 5.88 20.70 -21.71
N ASN A 28 6.00 21.25 -22.94
CA ASN A 28 7.18 21.13 -23.81
C ASN A 28 7.57 19.69 -24.14
N CYS A 29 6.59 18.84 -24.40
CA CYS A 29 6.88 17.44 -24.62
C CYS A 29 5.83 16.80 -25.53
N VAL A 30 6.22 15.69 -26.17
CA VAL A 30 5.33 14.90 -27.02
C VAL A 30 4.73 13.77 -26.19
N ALA A 31 3.41 13.66 -26.19
CA ALA A 31 2.70 12.65 -25.41
C ALA A 31 1.90 11.73 -26.32
N ASP A 32 2.19 10.43 -26.27
CA ASP A 32 1.42 9.44 -27.02
C ASP A 32 0.27 8.94 -26.13
N TYR A 33 -0.87 9.63 -26.21
CA TYR A 33 -2.06 9.25 -25.47
C TYR A 33 -2.60 7.89 -25.93
N SER A 34 -2.44 7.61 -27.22
CA SER A 34 -2.92 6.37 -27.81
C SER A 34 -2.26 5.15 -27.17
N VAL A 35 -0.98 5.27 -26.80
CA VAL A 35 -0.27 4.20 -26.10
C VAL A 35 -0.96 3.86 -24.79
N LEU A 36 -1.42 4.89 -24.05
CA LEU A 36 -2.17 4.67 -22.83
C LEU A 36 -3.50 3.97 -23.10
N TYR A 37 -4.20 4.38 -24.16
CA TYR A 37 -5.44 3.69 -24.53
C TYR A 37 -5.20 2.24 -24.96
N ASN A 38 -4.10 1.98 -25.67
CA ASN A 38 -3.79 0.64 -26.17
C ASN A 38 -3.54 -0.36 -25.04
N SER A 39 -2.94 0.10 -23.94
CA SER A 39 -2.70 -0.78 -22.79
C SER A 39 -4.01 -1.33 -22.23
N ALA A 40 -5.04 -0.48 -22.15
CA ALA A 40 -6.42 -0.84 -21.79
C ALA A 40 -6.52 -1.56 -20.44
N SER A 41 -5.69 -1.16 -19.49
CA SER A 41 -5.77 -1.67 -18.13
C SER A 41 -6.63 -0.80 -17.24
N PHE A 42 -7.24 0.24 -17.82
CA PHE A 42 -8.01 1.22 -17.08
C PHE A 42 -9.50 0.89 -17.19
N SER A 43 -10.15 0.78 -16.02
CA SER A 43 -11.59 0.51 -15.99
C SER A 43 -12.38 1.64 -16.61
N THR A 44 -11.99 2.88 -16.36
CA THR A 44 -12.65 4.05 -16.90
C THR A 44 -11.65 4.86 -17.72
N PHE A 45 -11.99 5.13 -18.98
CA PHE A 45 -11.20 6.04 -19.81
C PHE A 45 -12.20 6.93 -20.55
N LYS A 46 -12.81 7.87 -19.85
CA LYS A 46 -13.86 8.70 -20.44
C LYS A 46 -13.27 10.06 -20.78
N CYS A 47 -13.41 10.46 -22.03
CA CYS A 47 -12.91 11.74 -22.50
C CYS A 47 -14.09 12.65 -22.84
N TYR A 48 -14.04 13.88 -22.36
CA TYR A 48 -15.09 14.85 -22.53
C TYR A 48 -14.58 15.98 -23.40
N GLY A 49 -15.30 16.30 -24.47
CA GLY A 49 -14.88 17.34 -25.38
C GLY A 49 -13.83 16.92 -26.37
N VAL A 50 -13.40 15.67 -26.33
CA VAL A 50 -12.33 15.14 -27.17
C VAL A 50 -12.60 13.64 -27.27
N SER A 51 -12.07 13.02 -28.31
CA SER A 51 -12.25 11.58 -28.45
C SER A 51 -11.03 10.83 -27.95
N PRO A 52 -11.25 9.77 -27.15
CA PRO A 52 -10.12 9.03 -26.55
C PRO A 52 -9.20 8.42 -27.59
N THR A 53 -9.76 7.98 -28.70
CA THR A 53 -8.99 7.44 -29.81
C THR A 53 -8.84 8.56 -30.84
N LYS A 54 -7.63 8.70 -31.38
CA LYS A 54 -7.22 9.64 -32.44
C LYS A 54 -7.03 11.08 -31.96
N LEU A 55 -6.78 11.33 -30.67
CA LEU A 55 -6.63 12.71 -30.21
C LEU A 55 -5.21 13.23 -30.39
N ASN A 56 -4.35 12.47 -31.09
CA ASN A 56 -2.96 12.86 -31.30
C ASN A 56 -2.85 14.12 -32.14
N ASP A 57 -3.71 14.25 -33.16
CA ASP A 57 -3.67 15.39 -34.08
C ASP A 57 -3.91 16.70 -33.35
N LEU A 58 -4.85 16.71 -32.41
CA LEU A 58 -5.18 17.91 -31.65
C LEU A 58 -3.99 18.36 -30.81
N CYS A 59 -3.77 19.67 -30.78
CA CYS A 59 -2.64 20.26 -30.06
C CYS A 59 -3.16 20.98 -28.83
N PHE A 60 -2.56 20.70 -27.68
CA PHE A 60 -2.96 21.24 -26.39
C PHE A 60 -1.87 22.13 -25.85
N THR A 61 -2.24 23.32 -25.36
CA THR A 61 -1.22 24.20 -24.80
C THR A 61 -0.84 23.80 -23.38
N ASN A 62 -1.82 23.63 -22.51
CA ASN A 62 -1.60 23.36 -21.10
C ASN A 62 -2.27 22.05 -20.71
N VAL A 63 -1.47 21.05 -20.34
CA VAL A 63 -1.99 19.79 -19.86
C VAL A 63 -1.70 19.69 -18.37
N TYR A 64 -2.72 19.35 -17.58
CA TYR A 64 -2.61 19.17 -16.14
C TYR A 64 -3.05 17.76 -15.80
N ALA A 65 -2.26 17.06 -15.01
CA ALA A 65 -2.61 15.72 -14.55
C ALA A 65 -2.92 15.77 -13.06
N ASP A 66 -4.14 15.38 -12.68
CA ASP A 66 -4.61 15.40 -11.31
C ASP A 66 -4.78 13.96 -10.82
N SER A 67 -4.09 13.60 -9.74
CA SER A 67 -4.07 12.22 -9.26
C SER A 67 -4.61 12.12 -7.83
N PHE A 68 -5.54 11.18 -7.63
CA PHE A 68 -6.13 10.94 -6.32
C PHE A 68 -6.66 9.52 -6.29
N VAL A 69 -6.92 9.03 -5.08
CA VAL A 69 -7.54 7.71 -4.88
C VAL A 69 -8.90 7.89 -4.24
N ILE A 70 -9.91 7.22 -4.82
CA ILE A 70 -11.27 7.23 -4.33
C ILE A 70 -11.84 5.82 -4.43
N ARG A 71 -12.99 5.63 -3.79
CA ARG A 71 -13.76 4.40 -3.89
C ARG A 71 -14.34 4.24 -5.29
N GLY A 72 -14.67 2.99 -5.61
CA GLY A 72 -15.21 2.66 -6.92
C GLY A 72 -16.51 3.37 -7.22
N ASP A 73 -17.34 3.57 -6.20
CA ASP A 73 -18.60 4.28 -6.34
C ASP A 73 -18.39 5.75 -6.74
N GLU A 74 -17.34 6.38 -6.21
CA GLU A 74 -17.09 7.82 -6.44
C GLU A 74 -16.58 8.14 -7.84
N VAL A 75 -16.21 7.11 -8.61
CA VAL A 75 -15.66 7.31 -9.96
C VAL A 75 -16.69 7.98 -10.86
N ARG A 76 -17.96 7.63 -10.68
CA ARG A 76 -19.03 8.32 -11.40
C ARG A 76 -19.09 9.80 -11.04
N GLN A 77 -18.85 10.11 -9.75
CA GLN A 77 -18.85 11.50 -9.30
C GLN A 77 -17.71 12.30 -9.92
N ILE A 78 -16.63 11.64 -10.30
CA ILE A 78 -15.57 12.38 -10.99
C ILE A 78 -15.94 12.51 -12.46
N ALA A 79 -16.90 13.39 -12.74
CA ALA A 79 -17.36 13.70 -14.08
C ALA A 79 -17.94 15.11 -14.05
N PRO A 80 -18.00 15.80 -15.21
CA PRO A 80 -18.56 17.17 -15.21
C PRO A 80 -20.03 17.20 -14.86
N GLY A 81 -20.41 18.20 -14.08
CA GLY A 81 -21.79 18.39 -13.65
C GLY A 81 -22.37 17.22 -12.86
N GLN A 82 -21.60 16.66 -11.94
CA GLN A 82 -22.03 15.57 -11.09
C GLN A 82 -22.04 16.01 -9.63
N THR A 83 -23.01 15.52 -8.88
CA THR A 83 -23.18 15.87 -7.48
C THR A 83 -22.95 14.63 -6.60
N GLY A 84 -22.08 14.78 -5.61
CA GLY A 84 -21.73 13.71 -4.70
C GLY A 84 -20.97 14.30 -3.54
N LYS A 85 -20.66 13.45 -2.57
CA LYS A 85 -19.80 13.89 -1.46
C LYS A 85 -18.41 14.27 -1.97
N ILE A 86 -17.84 13.44 -2.86
CA ILE A 86 -16.52 13.69 -3.42
C ILE A 86 -16.53 14.91 -4.31
N ALA A 87 -17.56 15.05 -5.15
CA ALA A 87 -17.67 16.21 -6.02
C ALA A 87 -17.87 17.50 -5.24
N ASP A 88 -18.74 17.48 -4.24
CA ASP A 88 -19.05 18.70 -3.49
C ASP A 88 -17.90 19.16 -2.62
N TYR A 89 -17.20 18.25 -1.92
CA TYR A 89 -16.22 18.69 -0.95
C TYR A 89 -14.77 18.30 -1.22
N ASN A 90 -14.50 17.46 -2.21
CA ASN A 90 -13.14 16.98 -2.45
C ASN A 90 -12.56 17.42 -3.79
N TYR A 91 -13.10 16.95 -4.91
CA TYR A 91 -12.60 17.31 -6.23
C TYR A 91 -13.77 17.71 -7.11
N LYS A 92 -13.68 18.88 -7.73
CA LYS A 92 -14.71 19.39 -8.62
C LYS A 92 -14.19 19.55 -10.03
N LEU A 93 -14.95 19.05 -10.98
CA LEU A 93 -14.66 19.18 -12.40
C LEU A 93 -15.61 20.22 -12.98
N PRO A 94 -15.11 21.19 -13.74
CA PRO A 94 -15.98 22.22 -14.31
C PRO A 94 -16.98 21.65 -15.31
N ASP A 95 -18.12 22.34 -15.44
CA ASP A 95 -19.16 21.89 -16.37
C ASP A 95 -18.67 21.89 -17.82
N ASP A 96 -17.83 22.86 -18.18
CA ASP A 96 -17.32 23.03 -19.53
C ASP A 96 -15.99 22.31 -19.74
N PHE A 97 -15.63 21.39 -18.85
CA PHE A 97 -14.34 20.70 -18.88
C PHE A 97 -14.10 19.90 -20.15
N THR A 98 -12.92 20.07 -20.71
CA THR A 98 -12.43 19.26 -21.82
C THR A 98 -11.21 18.48 -21.35
N GLY A 99 -11.28 17.16 -21.43
CA GLY A 99 -10.20 16.34 -20.94
C GLY A 99 -10.65 14.91 -20.78
N CYS A 100 -9.76 14.11 -20.20
CA CYS A 100 -9.98 12.68 -20.03
C CYS A 100 -9.82 12.27 -18.57
N VAL A 101 -10.80 11.52 -18.06
CA VAL A 101 -10.76 10.95 -16.72
C VAL A 101 -10.37 9.48 -16.84
N ILE A 102 -9.24 9.11 -16.25
CA ILE A 102 -8.71 7.75 -16.33
C ILE A 102 -8.72 7.17 -14.93
N ALA A 103 -9.42 6.06 -14.74
CA ALA A 103 -9.50 5.40 -13.44
C ALA A 103 -9.22 3.91 -13.58
N TRP A 104 -8.41 3.36 -12.68
CA TRP A 104 -8.16 1.92 -12.67
C TRP A 104 -8.23 1.43 -11.23
N ASN A 105 -8.69 0.19 -11.06
CA ASN A 105 -8.73 -0.43 -9.74
C ASN A 105 -7.33 -0.63 -9.19
N SER A 106 -7.12 -0.21 -7.96
CA SER A 106 -5.85 -0.36 -7.26
C SER A 106 -6.02 -1.07 -5.95
N ASN A 107 -6.84 -2.14 -5.95
CA ASN A 107 -7.11 -2.88 -4.72
C ASN A 107 -5.84 -3.51 -4.17
N ASN A 108 -4.98 -4.04 -5.04
CA ASN A 108 -3.83 -4.77 -4.57
C ASN A 108 -2.72 -3.81 -4.14
N LEU A 109 -2.77 -2.57 -4.62
CA LEU A 109 -1.80 -1.56 -4.25
C LEU A 109 -2.18 -0.81 -2.99
N ASP A 110 -3.37 -0.21 -2.97
CA ASP A 110 -3.79 0.65 -1.85
C ASP A 110 -4.76 -0.05 -0.89
N SER A 111 -4.38 -1.20 -0.36
CA SER A 111 -5.20 -1.83 0.66
C SER A 111 -4.30 -2.49 1.69
N LYS A 112 -4.74 -2.44 2.95
CA LYS A 112 -4.02 -3.07 4.05
C LYS A 112 -5.04 -3.75 4.95
N VAL A 113 -4.62 -4.82 5.62
CA VAL A 113 -5.49 -5.48 6.59
C VAL A 113 -5.72 -4.52 7.75
N GLY A 114 -6.98 -4.41 8.18
CA GLY A 114 -7.33 -3.45 9.19
C GLY A 114 -7.56 -2.05 8.65
N GLY A 115 -7.41 -1.86 7.35
CA GLY A 115 -7.64 -0.62 6.64
C GLY A 115 -6.40 0.24 6.54
N ASN A 116 -6.34 1.03 5.47
CA ASN A 116 -5.28 2.01 5.27
C ASN A 116 -5.84 3.36 5.65
N TYR A 117 -5.06 4.17 6.36
CA TYR A 117 -5.56 5.45 6.84
C TYR A 117 -5.18 6.63 5.95
N ASN A 118 -4.29 6.42 4.98
CA ASN A 118 -3.67 7.52 4.24
C ASN A 118 -4.64 8.34 3.39
N TYR A 119 -5.64 7.71 2.78
CA TYR A 119 -6.47 8.39 1.78
C TYR A 119 -7.36 9.52 2.32
N LEU A 120 -8.08 9.33 3.43
CA LEU A 120 -8.74 10.41 4.20
C LEU A 120 -9.59 11.44 3.42
N TYR A 121 -10.68 11.00 2.80
CA TYR A 121 -11.57 11.94 2.11
C TYR A 121 -12.26 12.93 3.07
N ARG A 122 -12.52 14.14 2.58
CA ARG A 122 -13.20 15.16 3.37
C ARG A 122 -14.69 14.85 3.49
N LEU A 123 -15.20 14.87 4.71
CA LEU A 123 -16.61 14.56 4.93
C LEU A 123 -17.47 15.80 5.11
N PHE A 124 -16.95 16.85 5.75
CA PHE A 124 -17.72 18.04 6.08
C PHE A 124 -17.04 19.30 5.55
N ARG A 125 -17.79 20.11 4.84
CA ARG A 125 -17.37 21.43 4.41
C ARG A 125 -18.59 22.35 4.45
N LYS A 126 -18.33 23.63 4.76
CA LYS A 126 -19.41 24.60 4.87
C LYS A 126 -20.11 24.84 3.54
N SER A 127 -19.33 24.94 2.46
CA SER A 127 -19.88 25.23 1.13
C SER A 127 -19.27 24.28 0.11
N ASN A 128 -19.98 24.12 -1.00
CA ASN A 128 -19.50 23.28 -2.09
C ASN A 128 -18.25 23.87 -2.72
N LEU A 129 -17.31 23.00 -3.07
CA LEU A 129 -16.06 23.42 -3.67
C LEU A 129 -16.28 23.96 -5.08
N LYS A 130 -15.54 25.01 -5.40
CA LYS A 130 -15.50 25.61 -6.72
C LYS A 130 -14.69 24.68 -7.61
N PRO A 131 -14.86 24.72 -8.94
CA PRO A 131 -14.07 23.81 -9.80
C PRO A 131 -12.57 24.05 -9.72
N PHE A 132 -11.83 22.93 -9.63
CA PHE A 132 -10.37 22.89 -9.52
C PHE A 132 -9.87 23.67 -8.30
N GLU A 133 -10.59 23.53 -7.18
CA GLU A 133 -10.21 24.16 -5.92
C GLU A 133 -9.90 23.09 -4.90
N ARG A 134 -8.79 23.25 -4.20
CA ARG A 134 -8.32 22.27 -3.23
C ARG A 134 -8.36 22.87 -1.83
N ASP A 135 -8.98 22.15 -0.89
CA ASP A 135 -9.02 22.56 0.51
C ASP A 135 -8.27 21.52 1.34
N ILE A 136 -7.25 21.95 2.07
CA ILE A 136 -6.47 21.08 2.94
C ILE A 136 -6.67 21.42 4.42
N SER A 137 -7.64 22.28 4.73
CA SER A 137 -7.89 22.71 6.10
C SER A 137 -8.38 21.56 6.97
N THR A 138 -7.95 21.54 8.23
CA THR A 138 -8.38 20.54 9.19
C THR A 138 -9.25 21.13 10.29
N GLU A 139 -9.79 22.33 10.07
CA GLU A 139 -10.60 23.02 11.05
C GLU A 139 -11.87 22.25 11.38
N ILE A 140 -12.23 22.27 12.67
CA ILE A 140 -13.37 21.51 13.17
C ILE A 140 -14.67 22.03 12.55
N TYR A 141 -15.58 21.12 12.25
CA TYR A 141 -16.83 21.48 11.60
C TYR A 141 -17.91 21.78 12.63
N GLN A 142 -18.47 22.98 12.55
CA GLN A 142 -19.51 23.43 13.47
C GLN A 142 -20.91 23.07 12.94
N ALA A 143 -21.24 21.78 13.04
CA ALA A 143 -22.60 21.36 12.71
C ALA A 143 -23.61 21.95 13.69
N GLY A 144 -23.28 21.93 14.98
CA GLY A 144 -24.13 22.51 15.98
C GLY A 144 -24.00 24.02 16.07
N SER A 145 -25.02 24.62 16.69
CA SER A 145 -25.01 26.07 16.94
C SER A 145 -23.88 26.48 17.86
N THR A 146 -23.59 25.66 18.88
CA THR A 146 -22.51 25.95 19.82
C THR A 146 -21.16 25.91 19.11
N PRO A 147 -20.24 26.82 19.44
CA PRO A 147 -18.92 26.80 18.80
C PRO A 147 -18.07 25.63 19.27
N CYS A 148 -17.34 25.06 18.32
CA CYS A 148 -16.41 23.95 18.61
C CYS A 148 -15.26 24.40 19.49
N ASN A 149 -14.73 25.60 19.24
CA ASN A 149 -13.57 26.21 19.91
C ASN A 149 -12.28 25.48 19.56
N GLY A 150 -12.25 24.80 18.41
CA GLY A 150 -11.07 24.07 17.96
C GLY A 150 -10.90 22.69 18.53
N VAL A 151 -11.89 22.19 19.28
CA VAL A 151 -11.80 20.89 19.93
C VAL A 151 -13.01 20.04 19.51
N GLU A 152 -12.77 18.73 19.34
CA GLU A 152 -13.86 17.81 19.05
C GLU A 152 -14.84 17.77 20.22
N GLY A 153 -16.13 17.74 19.90
CA GLY A 153 -17.16 17.78 20.92
C GLY A 153 -18.46 17.27 20.35
N PHE A 154 -19.50 17.30 21.19
CA PHE A 154 -20.85 17.02 20.72
C PHE A 154 -21.23 18.06 19.68
N ASN A 155 -21.66 17.57 18.49
CA ASN A 155 -22.08 18.32 17.30
C ASN A 155 -20.92 18.95 16.56
N CYS A 156 -19.68 18.67 16.95
CA CYS A 156 -18.48 19.18 16.31
C CYS A 156 -17.68 17.99 15.80
N TYR A 157 -17.30 18.02 14.52
CA TYR A 157 -16.75 16.83 13.90
C TYR A 157 -15.48 17.18 13.14
N PHE A 158 -14.54 16.24 13.12
CA PHE A 158 -13.34 16.41 12.32
C PHE A 158 -13.72 16.39 10.84
N PRO A 159 -13.17 17.30 10.03
CA PRO A 159 -13.59 17.37 8.61
C PRO A 159 -13.24 16.15 7.77
N LEU A 160 -12.07 15.55 7.97
CA LEU A 160 -11.60 14.47 7.11
C LEU A 160 -11.92 13.12 7.72
N GLN A 161 -12.49 12.23 6.90
CA GLN A 161 -12.83 10.88 7.31
C GLN A 161 -12.01 9.89 6.48
N SER A 162 -11.38 8.94 7.15
CA SER A 162 -10.47 8.02 6.48
C SER A 162 -11.22 6.87 5.82
N TYR A 163 -10.90 6.63 4.54
CA TYR A 163 -11.48 5.49 3.84
C TYR A 163 -10.89 4.23 4.45
N GLY A 164 -11.73 3.27 4.79
CA GLY A 164 -11.13 2.03 5.24
C GLY A 164 -10.95 1.12 4.07
N PHE A 165 -9.71 0.93 3.61
CA PHE A 165 -9.46 0.13 2.43
C PHE A 165 -8.99 -1.25 2.86
N GLN A 166 -9.77 -2.27 2.54
CA GLN A 166 -9.53 -3.65 2.90
C GLN A 166 -9.49 -4.48 1.64
N PRO A 167 -8.67 -5.54 1.62
CA PRO A 167 -8.68 -6.46 0.47
C PRO A 167 -10.03 -7.12 0.25
N THR A 168 -10.72 -7.47 1.33
CA THR A 168 -12.02 -8.12 1.28
C THR A 168 -13.16 -7.20 0.83
N ASN A 169 -12.98 -5.88 0.83
CA ASN A 169 -14.06 -4.96 0.48
C ASN A 169 -14.55 -5.16 -0.94
N GLY A 170 -15.86 -4.95 -1.11
CA GLY A 170 -16.49 -5.06 -2.41
C GLY A 170 -15.91 -4.07 -3.40
N VAL A 171 -16.10 -4.39 -4.69
CA VAL A 171 -15.58 -3.59 -5.82
C VAL A 171 -16.00 -2.13 -5.71
N GLY A 172 -17.23 -1.87 -5.25
CA GLY A 172 -17.68 -0.50 -5.05
C GLY A 172 -16.88 0.23 -4.00
N TYR A 173 -16.48 -0.46 -2.94
CA TYR A 173 -15.71 0.13 -1.85
C TYR A 173 -14.20 -0.04 -2.02
N GLN A 174 -13.75 -0.69 -3.08
CA GLN A 174 -12.34 -0.90 -3.34
C GLN A 174 -11.68 0.40 -3.80
N PRO A 175 -10.38 0.60 -3.51
CA PRO A 175 -9.70 1.81 -3.98
C PRO A 175 -9.54 1.85 -5.49
N TYR A 176 -9.69 3.05 -6.05
CA TYR A 176 -9.49 3.29 -7.46
C TYR A 176 -8.54 4.47 -7.64
N ARG A 177 -7.50 4.28 -8.43
CA ARG A 177 -6.56 5.35 -8.75
C ARG A 177 -7.10 6.12 -9.95
N VAL A 178 -7.26 7.43 -9.80
CA VAL A 178 -7.88 8.26 -10.82
C VAL A 178 -6.90 9.34 -11.25
N VAL A 179 -6.64 9.42 -12.56
CA VAL A 179 -5.86 10.49 -13.15
C VAL A 179 -6.77 11.26 -14.08
N VAL A 180 -6.90 12.56 -13.83
CA VAL A 180 -7.70 13.45 -14.67
C VAL A 180 -6.75 14.31 -15.47
N LEU A 181 -6.85 14.23 -16.79
CA LEU A 181 -6.03 15.01 -17.70
C LEU A 181 -6.86 16.19 -18.19
N SER A 182 -6.38 17.40 -17.98
CA SER A 182 -7.08 18.62 -18.39
C SER A 182 -6.33 19.25 -19.56
N PHE A 183 -6.99 19.39 -20.70
CA PHE A 183 -6.37 19.92 -21.89
C PHE A 183 -6.90 21.32 -22.17
N GLU A 184 -6.01 22.26 -22.46
CA GLU A 184 -6.39 23.60 -22.84
C GLU A 184 -6.06 23.83 -24.31
N LEU A 185 -7.05 24.27 -25.08
CA LEU A 185 -6.85 24.62 -26.49
C LEU A 185 -7.09 26.12 -26.66
N LEU A 186 -6.00 26.87 -26.85
CA LEU A 186 -6.09 28.31 -27.03
C LEU A 186 -5.05 28.74 -28.06
N HIS A 187 -4.95 30.06 -28.28
CA HIS A 187 -3.91 30.64 -29.14
C HIS A 187 -2.68 30.88 -28.27
N ALA A 188 -1.74 29.93 -28.33
CA ALA A 188 -0.58 29.89 -27.45
C ALA A 188 0.42 28.91 -28.08
N PRO A 189 1.64 28.64 -27.50
CA PRO A 189 2.60 27.74 -28.19
C PRO A 189 2.10 26.35 -28.58
N ALA A 190 1.16 25.76 -27.82
CA ALA A 190 0.64 24.40 -28.05
C ALA A 190 1.76 23.36 -28.10
N THR A 191 2.73 23.50 -27.18
CA THR A 191 3.92 22.65 -27.16
C THR A 191 3.57 21.18 -26.93
N VAL A 192 2.66 20.91 -25.99
CA VAL A 192 2.32 19.52 -25.68
C VAL A 192 1.19 19.07 -26.62
N CYS A 193 1.47 19.13 -27.93
CA CYS A 193 0.53 18.62 -28.92
C CYS A 193 0.40 17.11 -28.85
N GLY A 194 1.53 16.43 -28.62
CA GLY A 194 1.58 14.99 -28.61
C GLY A 194 1.10 14.22 -29.84
N PRO A 195 1.60 14.52 -31.06
CA PRO A 195 1.18 13.72 -32.23
C PRO A 195 1.50 12.22 -32.13
N GLU B 1 13.64 9.16 8.46
CA GLU B 1 13.76 7.74 8.17
C GLU B 1 12.97 6.92 9.18
N VAL B 2 12.10 6.05 8.66
CA VAL B 2 11.29 5.16 9.50
C VAL B 2 12.20 4.21 10.26
N GLN B 3 12.01 4.12 11.58
CA GLN B 3 12.84 3.27 12.42
C GLN B 3 11.97 2.49 13.40
N LEU B 4 12.16 1.18 13.45
CA LEU B 4 11.48 0.31 14.42
C LEU B 4 12.55 -0.42 15.22
N VAL B 5 12.43 -0.37 16.55
CA VAL B 5 13.37 -1.03 17.46
C VAL B 5 12.59 -1.88 18.44
N GLU B 6 12.96 -3.16 18.54
CA GLU B 6 12.29 -4.11 19.43
C GLU B 6 13.09 -4.25 20.71
N SER B 7 12.40 -4.18 21.85
CA SER B 7 13.03 -4.30 23.16
C SER B 7 12.13 -5.16 24.04
N GLY B 8 12.69 -5.61 25.16
CA GLY B 8 11.96 -6.44 26.08
C GLY B 8 12.11 -7.93 25.84
N GLY B 9 12.89 -8.34 24.85
CA GLY B 9 13.15 -9.75 24.62
C GLY B 9 14.24 -10.27 25.53
N GLY B 10 13.95 -11.36 26.22
CA GLY B 10 14.90 -11.91 27.18
C GLY B 10 14.51 -13.32 27.55
N LEU B 11 15.38 -13.94 28.35
CA LEU B 11 15.14 -15.30 28.83
C LEU B 11 13.91 -15.35 29.71
N VAL B 12 13.09 -16.38 29.52
CA VAL B 12 11.87 -16.58 30.29
C VAL B 12 11.68 -18.08 30.51
N GLN B 13 10.94 -18.43 31.56
CA GLN B 13 10.60 -19.80 31.88
C GLN B 13 9.31 -20.18 31.16
N PRO B 14 9.08 -21.47 30.90
CA PRO B 14 7.77 -21.89 30.33
C PRO B 14 6.63 -21.59 31.29
N GLY B 15 5.55 -21.06 30.73
CA GLY B 15 4.43 -20.60 31.52
C GLY B 15 4.59 -19.18 32.02
N GLY B 16 5.73 -18.54 31.73
CA GLY B 16 5.98 -17.17 32.13
C GLY B 16 5.34 -16.17 31.20
N SER B 17 5.33 -14.92 31.64
CA SER B 17 4.77 -13.82 30.86
C SER B 17 5.85 -12.80 30.52
N LEU B 18 5.94 -12.46 29.24
CA LEU B 18 6.91 -11.50 28.74
C LEU B 18 6.22 -10.53 27.79
N ARG B 19 6.63 -9.26 27.83
CA ARG B 19 6.07 -8.22 26.96
C ARG B 19 7.18 -7.58 26.15
N LEU B 20 6.97 -7.49 24.83
CA LEU B 20 7.94 -6.91 23.90
C LEU B 20 7.41 -5.58 23.39
N SER B 21 8.18 -4.51 23.60
CA SER B 21 7.80 -3.17 23.19
C SER B 21 8.53 -2.75 21.93
N CYS B 22 7.78 -2.34 20.91
CA CYS B 22 8.31 -1.93 19.62
C CYS B 22 8.31 -0.41 19.52
N THR B 23 9.46 0.21 19.75
CA THR B 23 9.59 1.66 19.63
C THR B 23 9.59 2.05 18.16
N ALA B 24 8.94 3.17 17.83
CA ALA B 24 8.83 3.64 16.46
C ALA B 24 9.21 5.11 16.36
N SER B 25 9.87 5.49 15.27
CA SER B 25 10.30 6.87 15.09
C SER B 25 10.39 7.20 13.60
N GLY B 26 10.33 8.50 13.31
CA GLY B 26 10.47 8.99 11.96
C GLY B 26 9.22 9.01 11.11
N PHE B 27 8.05 8.74 11.69
CA PHE B 27 6.79 8.74 10.96
C PHE B 27 5.66 8.92 11.95
N THR B 28 4.47 9.16 11.43
CA THR B 28 3.28 9.29 12.26
C THR B 28 2.82 7.90 12.67
N PHE B 29 2.97 7.59 13.96
CA PHE B 29 2.70 6.25 14.49
C PHE B 29 1.24 5.85 14.32
N SER B 30 0.31 6.78 14.59
CA SER B 30 -1.12 6.49 14.57
C SER B 30 -1.61 6.06 13.18
N ASN B 31 -1.03 6.63 12.12
CA ASN B 31 -1.51 6.40 10.76
C ASN B 31 -1.37 4.94 10.31
N TYR B 32 -0.30 4.27 10.72
CA TYR B 32 0.04 2.96 10.18
C TYR B 32 -0.20 1.82 11.16
N GLY B 33 -0.75 0.71 10.65
CA GLY B 33 -0.90 -0.50 11.43
C GLY B 33 0.41 -1.26 11.60
N PHE B 34 0.48 -2.10 12.62
CA PHE B 34 1.70 -2.82 12.96
C PHE B 34 1.49 -4.32 13.04
N HIS B 35 2.55 -5.05 12.74
CA HIS B 35 2.56 -6.52 12.69
C HIS B 35 3.70 -7.07 13.53
N TRP B 36 3.53 -8.31 13.98
CA TRP B 36 4.58 -9.05 14.67
C TRP B 36 4.84 -10.33 13.89
N VAL B 37 6.11 -10.60 13.60
CA VAL B 37 6.55 -11.80 12.90
C VAL B 37 7.65 -12.44 13.72
N ARG B 38 7.63 -13.77 13.84
CA ARG B 38 8.64 -14.50 14.58
C ARG B 38 9.30 -15.53 13.68
N GLN B 39 10.62 -15.61 13.75
CA GLN B 39 11.37 -16.66 13.07
C GLN B 39 12.00 -17.56 14.11
N ALA B 40 11.55 -18.80 14.18
CA ALA B 40 12.11 -19.77 15.10
C ALA B 40 13.50 -20.18 14.61
N PRO B 41 14.42 -20.59 15.51
CA PRO B 41 15.77 -20.95 15.08
C PRO B 41 15.76 -22.11 14.07
N GLY B 42 16.46 -21.88 12.96
CA GLY B 42 16.50 -22.83 11.85
C GLY B 42 15.13 -23.13 11.28
N LYS B 43 14.26 -22.13 11.19
CA LYS B 43 12.89 -22.30 10.71
C LYS B 43 12.50 -21.10 9.87
N GLY B 44 11.40 -21.26 9.13
CA GLY B 44 10.88 -20.19 8.30
C GLY B 44 10.09 -19.16 9.10
N LEU B 45 9.78 -18.05 8.43
CA LEU B 45 9.04 -16.95 9.04
C LEU B 45 7.62 -17.36 9.40
N GLU B 46 7.13 -16.81 10.51
CA GLU B 46 5.77 -17.09 10.97
C GLU B 46 5.14 -15.80 11.48
N TRP B 47 4.13 -15.32 10.76
CA TRP B 47 3.39 -14.12 11.16
C TRP B 47 2.63 -14.39 12.46
N VAL B 48 2.75 -13.48 13.43
CA VAL B 48 2.14 -13.68 14.74
C VAL B 48 0.80 -12.94 14.88
N THR B 49 0.81 -11.62 14.70
CA THR B 49 -0.38 -10.82 14.98
C THR B 49 -0.33 -9.50 14.23
N ILE B 50 -1.48 -8.83 14.19
CA ILE B 50 -1.65 -7.50 13.61
C ILE B 50 -2.48 -6.64 14.55
N ILE B 51 -2.11 -5.37 14.67
CA ILE B 51 -2.93 -4.36 15.33
C ILE B 51 -3.16 -3.26 14.31
N SER B 52 -4.42 -2.87 14.13
CA SER B 52 -4.78 -1.87 13.14
C SER B 52 -4.41 -0.48 13.64
N TYR B 53 -4.47 0.48 12.71
CA TYR B 53 -4.15 1.87 13.02
C TYR B 53 -5.06 2.44 14.10
N ASP B 54 -6.36 2.16 14.02
CA ASP B 54 -7.29 2.57 15.08
C ASP B 54 -7.01 1.81 16.37
N GLY B 55 -6.65 0.53 16.26
CA GLY B 55 -6.35 -0.31 17.41
C GLY B 55 -7.51 -1.16 17.87
N ILE B 56 -8.72 -0.91 17.38
CA ILE B 56 -9.86 -1.75 17.71
C ILE B 56 -9.71 -3.14 17.11
N THR B 57 -9.22 -3.22 15.87
CA THR B 57 -9.12 -4.48 15.15
C THR B 57 -7.80 -5.17 15.43
N LYS B 58 -7.86 -6.40 15.95
CA LYS B 58 -6.68 -7.21 16.23
C LYS B 58 -6.94 -8.63 15.75
N HIS B 59 -5.96 -9.23 15.08
CA HIS B 59 -6.07 -10.58 14.56
C HIS B 59 -4.83 -11.37 14.96
N TYR B 60 -5.03 -12.61 15.39
CA TYR B 60 -3.94 -13.45 15.86
C TYR B 60 -3.96 -14.80 15.15
N ALA B 61 -2.77 -15.33 14.89
CA ALA B 61 -2.66 -16.68 14.36
C ALA B 61 -3.02 -17.66 15.47
N ASP B 62 -3.51 -18.84 15.08
CA ASP B 62 -4.01 -19.83 16.04
C ASP B 62 -2.94 -20.26 17.04
N SER B 63 -1.70 -20.45 16.57
CA SER B 63 -0.59 -20.93 17.41
C SER B 63 -0.29 -19.99 18.57
N VAL B 64 -0.72 -18.74 18.51
CA VAL B 64 -0.58 -17.78 19.60
C VAL B 64 -1.92 -17.24 20.08
N LYS B 65 -3.02 -17.57 19.42
CA LYS B 65 -4.33 -17.05 19.78
C LYS B 65 -4.75 -17.54 21.16
N ASP B 66 -5.27 -16.62 21.97
CA ASP B 66 -5.79 -16.73 23.35
C ASP B 66 -4.63 -16.73 24.34
N ARG B 67 -3.38 -16.69 23.87
CA ARG B 67 -2.20 -16.60 24.72
C ARG B 67 -1.44 -15.30 24.54
N PHE B 68 -1.50 -14.69 23.37
CA PHE B 68 -0.76 -13.47 23.06
C PHE B 68 -1.75 -12.34 22.86
N THR B 69 -1.48 -11.18 23.47
CA THR B 69 -2.31 -10.00 23.33
C THR B 69 -1.48 -8.86 22.74
N VAL B 70 -2.00 -8.22 21.70
CA VAL B 70 -1.32 -7.13 21.02
C VAL B 70 -1.98 -5.80 21.42
N SER B 71 -1.15 -4.83 21.78
CA SER B 71 -1.62 -3.52 22.23
C SER B 71 -0.68 -2.45 21.69
N ARG B 72 -1.17 -1.21 21.67
CA ARG B 72 -0.33 -0.10 21.23
C ARG B 72 -0.69 1.15 22.02
N ASP B 73 0.30 2.02 22.23
CA ASP B 73 0.10 3.33 22.82
C ASP B 73 0.59 4.37 21.82
N ASN B 74 -0.33 5.17 21.29
CA ASN B 74 0.03 6.17 20.28
C ASN B 74 0.92 7.27 20.84
N SER B 75 0.65 7.70 22.08
CA SER B 75 1.44 8.77 22.70
C SER B 75 2.90 8.35 22.89
N LYS B 76 3.12 7.11 23.30
CA LYS B 76 4.47 6.62 23.53
C LYS B 76 5.10 6.04 22.26
N THR B 77 4.31 5.91 21.18
CA THR B 77 4.73 5.33 19.89
C THR B 77 5.33 3.94 20.05
N MET B 78 4.68 3.11 20.87
CA MET B 78 5.16 1.77 21.13
C MET B 78 4.04 0.75 20.96
N VAL B 79 4.37 -0.37 20.32
CA VAL B 79 3.48 -1.51 20.15
C VAL B 79 3.96 -2.61 21.08
N TYR B 80 3.06 -3.14 21.90
CA TYR B 80 3.41 -4.14 22.89
C TYR B 80 2.79 -5.48 22.50
N LEU B 81 3.63 -6.50 22.39
CA LEU B 81 3.16 -7.86 22.20
C LEU B 81 3.23 -8.54 23.55
N GLN B 82 2.12 -8.56 24.27
CA GLN B 82 2.08 -9.30 25.52
C GLN B 82 2.03 -10.79 25.20
N MET B 83 2.87 -11.57 25.88
CA MET B 83 2.95 -13.00 25.64
C MET B 83 2.73 -13.72 26.97
N ASN B 84 1.82 -14.68 26.98
CA ASN B 84 1.46 -15.43 28.17
C ASN B 84 1.39 -16.91 27.80
N ASN B 85 1.53 -17.77 28.82
CA ASN B 85 1.57 -19.22 28.68
C ASN B 85 2.65 -19.65 27.68
N LEU B 86 3.83 -19.05 27.84
CA LEU B 86 4.95 -19.29 26.94
C LEU B 86 5.40 -20.74 26.97
N LYS B 87 5.89 -21.20 25.81
CA LYS B 87 6.26 -22.58 25.58
C LYS B 87 7.64 -22.62 24.94
N LEU B 88 8.26 -23.80 24.98
CA LEU B 88 9.57 -23.99 24.35
C LEU B 88 9.50 -23.74 22.84
N ASP B 89 8.36 -24.09 22.22
CA ASP B 89 8.13 -23.84 20.81
C ASP B 89 8.13 -22.34 20.49
N ASP B 90 7.65 -21.52 21.42
CA ASP B 90 7.52 -20.07 21.23
C ASP B 90 8.86 -19.37 21.01
N THR B 91 9.98 -19.97 21.45
CA THR B 91 11.32 -19.40 21.31
C THR B 91 11.63 -19.04 19.87
N ALA B 92 11.91 -17.76 19.63
CA ALA B 92 12.10 -17.22 18.29
C ALA B 92 12.63 -15.80 18.38
N VAL B 93 13.04 -15.27 17.23
CA VAL B 93 13.41 -13.87 17.09
C VAL B 93 12.15 -13.15 16.62
N TYR B 94 11.66 -12.22 17.42
CA TYR B 94 10.41 -11.53 17.15
C TYR B 94 10.69 -10.20 16.47
N TYR B 95 10.17 -10.02 15.26
CA TYR B 95 10.34 -8.80 14.49
C TYR B 95 9.02 -8.04 14.48
N CYS B 96 9.11 -6.73 14.69
CA CYS B 96 7.96 -5.84 14.61
C CYS B 96 7.99 -5.15 13.26
N ALA B 97 6.88 -5.24 12.54
CA ALA B 97 6.81 -4.69 11.20
C ALA B 97 5.64 -3.72 11.08
N ARG B 98 5.77 -2.81 10.13
CA ARG B 98 4.74 -1.83 9.81
C ARG B 98 4.23 -2.11 8.41
N ASP B 99 2.93 -2.40 8.27
CA ASP B 99 2.22 -2.60 6.99
C ASP B 99 2.93 -3.60 6.06
N LEU B 100 2.95 -4.86 6.52
CA LEU B 100 3.61 -5.94 5.80
C LEU B 100 3.11 -6.10 4.37
N GLY B 101 4.06 -6.35 3.48
CA GLY B 101 3.79 -6.61 2.08
C GLY B 101 3.13 -5.48 1.33
N THR B 102 3.45 -4.24 1.69
CA THR B 102 2.92 -3.05 1.04
C THR B 102 4.09 -2.10 0.80
N TYR B 103 3.80 -1.02 0.10
CA TYR B 103 4.77 0.05 -0.09
C TYR B 103 5.21 0.70 1.22
N ASP B 104 4.41 0.64 2.28
CA ASP B 104 4.76 1.21 3.57
C ASP B 104 5.54 0.24 4.45
N ASP B 105 5.95 -0.91 3.92
CA ASP B 105 6.63 -1.95 4.69
C ASP B 105 7.92 -1.47 5.35
N SER B 106 8.07 -1.77 6.63
CA SER B 106 9.28 -1.49 7.38
C SER B 106 9.46 -2.62 8.39
N TRP B 107 10.70 -2.91 8.73
CA TRP B 107 11.03 -4.00 9.65
C TRP B 107 12.05 -3.57 10.69
N GLY B 108 11.85 -4.03 11.91
CA GLY B 108 12.85 -3.84 12.95
C GLY B 108 13.91 -4.91 12.87
N GLN B 109 15.00 -4.69 13.62
CA GLN B 109 16.12 -5.63 13.63
C GLN B 109 15.72 -6.99 14.19
N GLY B 110 14.86 -7.00 15.19
CA GLY B 110 14.38 -8.21 15.82
C GLY B 110 14.99 -8.40 17.18
N VAL B 111 14.25 -9.04 18.07
CA VAL B 111 14.72 -9.32 19.42
C VAL B 111 14.52 -10.80 19.71
N LEU B 112 15.57 -11.45 20.21
CA LEU B 112 15.52 -12.87 20.50
C LEU B 112 14.79 -13.11 21.82
N VAL B 113 13.77 -13.97 21.78
CA VAL B 113 13.04 -14.37 22.98
C VAL B 113 13.35 -15.85 23.19
N THR B 114 13.88 -16.19 24.37
CA THR B 114 14.28 -17.55 24.69
C THR B 114 13.42 -18.06 25.83
N VAL B 115 12.75 -19.19 25.62
CA VAL B 115 11.97 -19.86 26.64
C VAL B 115 12.72 -21.11 27.04
N SER B 116 13.18 -21.17 28.30
CA SER B 116 13.96 -22.29 28.78
C SER B 116 13.56 -22.65 30.19
N SER B 117 13.49 -23.95 30.47
CA SER B 117 13.13 -24.43 31.80
C SER B 117 14.38 -24.80 32.58
N ASP C 1 -8.45 -20.12 6.38
CA ASP C 1 -7.01 -19.96 6.27
C ASP C 1 -6.54 -20.13 4.83
N ILE C 2 -5.46 -19.43 4.48
CA ILE C 2 -4.83 -19.54 3.18
C ILE C 2 -3.43 -20.09 3.39
N GLN C 3 -2.99 -20.96 2.48
CA GLN C 3 -1.74 -21.70 2.62
C GLN C 3 -0.86 -21.46 1.41
N MET C 4 0.40 -21.11 1.66
CA MET C 4 1.37 -20.77 0.63
C MET C 4 2.38 -21.90 0.48
N THR C 5 2.54 -22.41 -0.73
CA THR C 5 3.53 -23.44 -1.03
C THR C 5 4.62 -22.82 -1.90
N GLN C 6 5.86 -22.86 -1.41
CA GLN C 6 7.00 -22.25 -2.10
C GLN C 6 7.96 -23.35 -2.55
N SER C 7 8.02 -23.58 -3.85
CA SER C 7 8.93 -24.57 -4.42
C SER C 7 9.68 -23.93 -5.60
N PRO C 8 10.94 -24.33 -5.85
CA PRO C 8 11.75 -25.39 -5.21
C PRO C 8 12.60 -24.87 -4.06
N SER C 9 12.47 -25.45 -2.87
CA SER C 9 13.20 -24.99 -1.69
C SER C 9 14.71 -25.13 -1.82
N ALA C 10 15.20 -26.17 -2.49
CA ALA C 10 16.62 -26.48 -2.54
C ALA C 10 17.30 -25.99 -3.82
N LEU C 11 16.76 -24.95 -4.44
CA LEU C 11 17.28 -24.44 -5.71
C LEU C 11 18.73 -23.95 -5.59
N SER C 12 19.56 -24.34 -6.56
CA SER C 12 20.96 -23.92 -6.62
C SER C 12 21.29 -23.46 -8.03
N ALA C 13 22.21 -22.50 -8.12
CA ALA C 13 22.60 -21.90 -9.39
C ALA C 13 23.89 -21.11 -9.20
N SER C 14 24.62 -20.93 -10.30
CA SER C 14 25.84 -20.15 -10.33
C SER C 14 25.52 -18.67 -10.53
N VAL C 15 26.53 -17.82 -10.31
CA VAL C 15 26.38 -16.38 -10.51
C VAL C 15 26.07 -16.09 -11.97
N GLY C 16 25.12 -15.18 -12.20
CA GLY C 16 24.71 -14.82 -13.54
C GLY C 16 23.61 -15.67 -14.12
N ASP C 17 23.18 -16.71 -13.42
CA ASP C 17 22.09 -17.56 -13.88
C ASP C 17 20.73 -16.89 -13.63
N ARG C 18 19.74 -17.35 -14.38
CA ARG C 18 18.37 -16.90 -14.18
C ARG C 18 17.66 -17.86 -13.24
N VAL C 19 17.13 -17.33 -12.14
CA VAL C 19 16.46 -18.10 -11.10
C VAL C 19 14.97 -17.84 -11.17
N THR C 20 14.16 -18.87 -10.89
CA THR C 20 12.72 -18.73 -10.80
C THR C 20 12.20 -19.42 -9.54
N ILE C 21 11.37 -18.71 -8.78
CA ILE C 21 10.79 -19.19 -7.52
C ILE C 21 9.27 -19.07 -7.64
N SER C 22 8.56 -20.18 -7.45
CA SER C 22 7.12 -20.23 -7.63
C SER C 22 6.41 -20.40 -6.28
N CYS C 23 5.40 -19.57 -6.04
CA CYS C 23 4.57 -19.63 -4.84
C CYS C 23 3.13 -19.88 -5.25
N ARG C 24 2.46 -20.82 -4.58
CA ARG C 24 1.07 -21.16 -4.90
C ARG C 24 0.17 -20.95 -3.68
N ALA C 25 -0.85 -20.11 -3.86
CA ALA C 25 -1.87 -19.89 -2.84
C ALA C 25 -2.94 -20.96 -2.92
N SER C 26 -3.43 -21.40 -1.75
CA SER C 26 -4.50 -22.41 -1.71
C SER C 26 -5.79 -21.87 -2.31
N GLN C 27 -6.12 -20.61 -2.04
CA GLN C 27 -7.30 -19.95 -2.56
C GLN C 27 -6.90 -18.59 -3.09
N ASN C 28 -7.79 -18.00 -3.90
CA ASN C 28 -7.53 -16.73 -4.58
C ASN C 28 -7.20 -15.63 -3.56
N ILE C 29 -6.09 -14.93 -3.80
CA ILE C 29 -5.66 -13.81 -2.98
C ILE C 29 -5.49 -12.55 -3.80
N ASP C 30 -6.06 -12.52 -5.02
CA ASP C 30 -5.96 -11.41 -5.99
C ASP C 30 -4.49 -11.16 -6.26
N GLY C 31 -3.99 -9.93 -6.19
CA GLY C 31 -2.59 -9.62 -6.35
C GLY C 31 -1.86 -9.40 -5.05
N PHE C 32 -2.44 -9.77 -3.91
CA PHE C 32 -1.89 -9.51 -2.59
C PHE C 32 -0.82 -10.55 -2.21
N LEU C 33 0.32 -10.46 -2.88
CA LEU C 33 1.45 -11.31 -2.54
C LEU C 33 2.71 -10.45 -2.44
N ALA C 34 3.59 -10.79 -1.49
CA ALA C 34 4.83 -10.09 -1.25
C ALA C 34 5.98 -11.06 -1.28
N TRP C 35 7.13 -10.61 -1.78
CA TRP C 35 8.35 -11.41 -1.82
C TRP C 35 9.40 -10.78 -0.92
N TYR C 36 10.03 -11.60 -0.09
CA TYR C 36 11.04 -11.15 0.86
C TYR C 36 12.32 -11.93 0.65
N GLN C 37 13.44 -11.28 0.94
CA GLN C 37 14.75 -11.92 0.92
C GLN C 37 15.36 -11.79 2.31
N GLN C 38 15.72 -12.92 2.92
CA GLN C 38 16.33 -12.93 4.25
C GLN C 38 17.73 -13.48 4.19
N LYS C 39 18.70 -12.65 4.53
CA LYS C 39 20.07 -13.09 4.68
C LYS C 39 20.21 -13.66 6.08
N PRO C 40 21.20 -14.52 6.35
CA PRO C 40 21.31 -15.15 7.69
C PRO C 40 21.53 -14.12 8.81
N GLY C 41 20.74 -14.29 9.87
CA GLY C 41 20.77 -13.40 11.03
C GLY C 41 20.43 -11.96 10.71
N LYS C 42 19.51 -11.74 9.77
CA LYS C 42 19.09 -10.41 9.36
C LYS C 42 17.58 -10.38 9.22
N ALA C 43 17.02 -9.18 9.32
CA ALA C 43 15.59 -9.02 9.12
C ALA C 43 15.24 -9.20 7.65
N PRO C 44 14.04 -9.69 7.35
CA PRO C 44 13.61 -9.81 5.94
C PRO C 44 13.51 -8.46 5.24
N LYS C 45 13.89 -8.46 3.97
CA LYS C 45 13.84 -7.28 3.11
C LYS C 45 12.82 -7.51 2.01
N LEU C 46 11.88 -6.58 1.85
CA LEU C 46 10.76 -6.74 0.93
C LEU C 46 11.22 -6.41 -0.49
N LEU C 47 11.46 -7.44 -1.29
CA LEU C 47 11.83 -7.21 -2.68
C LEU C 47 10.64 -6.77 -3.53
N ILE C 48 9.50 -7.43 -3.39
CA ILE C 48 8.33 -7.23 -4.25
C ILE C 48 7.09 -7.11 -3.38
N TYR C 49 6.13 -6.32 -3.84
CA TYR C 49 4.83 -6.18 -3.21
C TYR C 49 3.82 -6.08 -4.34
N ALA C 50 2.55 -6.37 -4.02
CA ALA C 50 1.42 -6.32 -4.95
C ALA C 50 1.63 -7.21 -6.17
N ALA C 51 2.33 -8.34 -5.93
CA ALA C 51 2.71 -9.43 -6.82
C ALA C 51 3.84 -9.05 -7.80
N SER C 52 3.73 -7.88 -8.45
CA SER C 52 4.71 -7.49 -9.45
C SER C 52 5.43 -6.17 -9.20
N ARG C 53 5.05 -5.40 -8.18
CA ARG C 53 5.60 -4.06 -7.95
C ARG C 53 6.87 -4.11 -7.11
N LEU C 54 7.98 -3.69 -7.71
CA LEU C 54 9.27 -3.66 -7.03
C LEU C 54 9.28 -2.56 -5.97
N GLN C 55 9.79 -2.88 -4.79
CA GLN C 55 9.94 -1.89 -3.74
C GLN C 55 11.09 -0.94 -4.09
N SER C 56 11.01 0.28 -3.56
CA SER C 56 12.05 1.27 -3.80
C SER C 56 13.38 0.84 -3.18
N GLY C 57 14.47 1.07 -3.91
CA GLY C 57 15.79 0.72 -3.45
C GLY C 57 16.16 -0.73 -3.65
N ILE C 58 15.32 -1.50 -4.34
CA ILE C 58 15.57 -2.91 -4.63
C ILE C 58 16.20 -2.96 -6.02
N PRO C 59 17.18 -3.83 -6.27
CA PRO C 59 17.73 -3.97 -7.62
C PRO C 59 16.68 -4.43 -8.64
N SER C 60 16.84 -3.90 -9.86
CA SER C 60 15.91 -4.14 -10.97
C SER C 60 15.86 -5.60 -11.41
N ARG C 61 16.90 -6.39 -11.12
CA ARG C 61 16.98 -7.79 -11.54
C ARG C 61 15.80 -8.60 -10.99
N PHE C 62 15.39 -8.34 -9.75
CA PHE C 62 14.24 -9.01 -9.16
C PHE C 62 12.95 -8.62 -9.86
N SER C 63 12.10 -9.60 -10.14
CA SER C 63 10.82 -9.31 -10.78
C SER C 63 9.78 -10.30 -10.28
N GLY C 64 8.53 -9.90 -10.34
CA GLY C 64 7.44 -10.73 -9.90
C GLY C 64 6.36 -10.81 -10.96
N SER C 65 5.59 -11.90 -10.90
CA SER C 65 4.57 -12.16 -11.89
C SER C 65 3.49 -13.04 -11.28
N GLY C 66 2.37 -13.12 -11.97
CA GLY C 66 1.28 -13.99 -11.58
C GLY C 66 0.19 -13.28 -10.81
N SER C 67 -0.98 -13.91 -10.77
CA SER C 67 -2.15 -13.39 -10.09
C SER C 67 -3.04 -14.57 -9.73
N GLY C 68 -4.05 -14.31 -8.92
CA GLY C 68 -4.93 -15.36 -8.43
C GLY C 68 -4.21 -16.33 -7.52
N THR C 69 -4.20 -17.61 -7.88
CA THR C 69 -3.59 -18.63 -7.04
C THR C 69 -2.14 -18.95 -7.39
N ASP C 70 -1.60 -18.40 -8.48
CA ASP C 70 -0.27 -18.78 -8.95
C ASP C 70 0.59 -17.53 -9.13
N PHE C 71 1.82 -17.58 -8.63
CA PHE C 71 2.75 -16.46 -8.68
C PHE C 71 4.17 -16.96 -8.91
N THR C 72 5.03 -16.06 -9.38
CA THR C 72 6.41 -16.41 -9.68
C THR C 72 7.32 -15.23 -9.36
N LEU C 73 8.53 -15.53 -8.86
CA LEU C 73 9.58 -14.55 -8.63
C LEU C 73 10.77 -14.94 -9.49
N THR C 74 11.26 -14.00 -10.29
CA THR C 74 12.36 -14.25 -11.22
C THR C 74 13.50 -13.27 -11.00
N ILE C 75 14.73 -13.81 -10.97
CA ILE C 75 15.95 -13.03 -10.91
C ILE C 75 16.60 -13.12 -12.28
N SER C 76 16.71 -12.00 -12.99
CA SER C 76 17.23 -11.99 -14.35
C SER C 76 18.70 -12.42 -14.40
N SER C 77 19.52 -11.88 -13.50
CA SER C 77 20.93 -12.25 -13.40
C SER C 77 21.24 -12.47 -11.93
N LEU C 78 21.76 -13.63 -11.59
CA LEU C 78 22.09 -13.91 -10.20
C LEU C 78 23.37 -13.16 -9.82
N GLN C 79 23.52 -12.89 -8.53
CA GLN C 79 24.67 -12.19 -7.98
C GLN C 79 25.10 -12.89 -6.70
N PRO C 80 26.33 -12.62 -6.20
CA PRO C 80 26.71 -13.18 -4.88
C PRO C 80 25.83 -12.75 -3.73
N GLU C 81 25.36 -11.50 -3.73
CA GLU C 81 24.49 -11.01 -2.67
C GLU C 81 23.15 -11.72 -2.64
N ASP C 82 22.66 -12.17 -3.80
CA ASP C 82 21.34 -12.77 -3.94
C ASP C 82 21.22 -14.15 -3.28
N PHE C 83 22.32 -14.77 -2.87
CA PHE C 83 22.30 -16.12 -2.31
C PHE C 83 21.80 -16.02 -0.87
N ALA C 84 20.49 -16.13 -0.73
CA ALA C 84 19.81 -15.98 0.55
C ALA C 84 18.45 -16.67 0.47
N ALA C 85 17.78 -16.77 1.61
CA ALA C 85 16.44 -17.32 1.66
C ALA C 85 15.43 -16.37 1.03
N TYR C 86 14.37 -16.94 0.45
CA TYR C 86 13.31 -16.15 -0.16
C TYR C 86 11.96 -16.63 0.35
N TYR C 87 11.06 -15.69 0.67
CA TYR C 87 9.76 -15.98 1.27
C TYR C 87 8.64 -15.27 0.53
N CYS C 88 7.51 -15.94 0.39
CA CYS C 88 6.30 -15.38 -0.21
C CYS C 88 5.20 -15.33 0.83
N GLN C 89 4.67 -14.13 1.09
CA GLN C 89 3.63 -13.95 2.10
C GLN C 89 2.38 -13.31 1.49
N GLN C 90 1.24 -13.97 1.68
CA GLN C 90 -0.02 -13.39 1.25
C GLN C 90 -0.48 -12.35 2.27
N VAL C 91 -1.04 -11.24 1.77
CA VAL C 91 -1.60 -10.22 2.64
C VAL C 91 -3.09 -10.04 2.47
N TYR C 92 -3.74 -10.81 1.58
CA TYR C 92 -5.18 -10.66 1.34
C TYR C 92 -6.02 -11.00 2.56
N SER C 93 -5.73 -12.12 3.21
CA SER C 93 -6.52 -12.59 4.34
C SER C 93 -6.15 -11.84 5.61
N ALA C 94 -7.07 -11.86 6.58
CA ALA C 94 -6.77 -11.28 7.88
C ALA C 94 -5.61 -11.98 8.58
N PRO C 95 -5.51 -13.35 8.65
CA PRO C 95 -4.25 -13.92 9.18
C PRO C 95 -3.22 -14.14 8.07
N LEU C 96 -2.13 -13.37 8.09
CA LEU C 96 -1.12 -13.46 7.05
C LEU C 96 -0.31 -14.75 7.24
N THR C 97 0.00 -15.42 6.12
CA THR C 97 0.80 -16.63 6.15
C THR C 97 2.00 -16.51 5.22
N PHE C 98 3.17 -16.88 5.71
CA PHE C 98 4.39 -16.85 4.92
C PHE C 98 4.58 -18.17 4.18
N GLY C 99 5.46 -18.16 3.19
CA GLY C 99 5.79 -19.37 2.49
C GLY C 99 6.85 -20.16 3.24
N GLY C 100 7.06 -21.39 2.78
CA GLY C 100 8.08 -22.28 3.31
C GLY C 100 9.46 -21.67 3.33
N GLY C 101 9.93 -21.23 2.16
CA GLY C 101 11.26 -20.65 2.04
C GLY C 101 12.09 -21.36 1.00
N THR C 102 12.75 -20.58 0.16
CA THR C 102 13.63 -21.11 -0.88
C THR C 102 15.02 -20.53 -0.67
N LYS C 103 16.02 -21.40 -0.56
CA LYS C 103 17.39 -20.97 -0.31
C LYS C 103 18.19 -21.06 -1.61
N VAL C 104 18.39 -19.92 -2.25
CA VAL C 104 19.25 -19.89 -3.43
C VAL C 104 20.69 -20.05 -2.97
N GLU C 105 21.40 -21.01 -3.54
CA GLU C 105 22.75 -21.36 -3.10
C GLU C 105 23.69 -21.43 -4.29
N PHE C 106 24.95 -21.06 -4.04
CA PHE C 106 25.97 -21.10 -5.07
C PHE C 106 26.26 -22.52 -5.53
N LYS C 107 26.48 -22.68 -6.82
CA LYS C 107 26.72 -23.99 -7.42
C LYS C 107 28.19 -24.21 -7.75
#